data_2FPS
#
_entry.id   2FPS
#
_cell.length_a   52.748
_cell.length_b   131.325
_cell.length_c   104.898
_cell.angle_alpha   90.00
_cell.angle_beta   90.00
_cell.angle_gamma   90.00
#
_symmetry.space_group_name_H-M   'C 2 2 21'
#
loop_
_entity.id
_entity.type
_entity.pdbx_description
1 polymer 'Histidine biosynthesis bifunctional protein hisB'
2 non-polymer 'ZINC ION'
3 non-polymer 'CALCIUM ION'
4 non-polymer 'CHLORIDE ION'
5 water water
#
_entity_poly.entity_id   1
_entity_poly.type   'polypeptide(L)'
_entity_poly.pdbx_seq_one_letter_code
;MGSSHHHHHHGSSQKYLFIDRDGTLISEPPSDFQVDRFDKLAFEPGVIPQLLKLQKAGYKLVMITNQDGLGTQSFPQADF
DGPHNLMMQIFTSQGVQFDEVLICPHLPADECDCRKPKVKLVERYLAEQAMDRANSYVIGDRATDIQLAENMGINGLRYD
RETLNWPMIGEQLTRR
;
_entity_poly.pdbx_strand_id   A,B
#
loop_
_chem_comp.id
_chem_comp.type
_chem_comp.name
_chem_comp.formula
CA non-polymer 'CALCIUM ION' 'Ca 2'
CL non-polymer 'CHLORIDE ION' 'Cl -1'
ZN non-polymer 'ZINC ION' 'Zn 2'
#
# COMPACT_ATOMS: atom_id res chain seq x y z
N SER A 13 5.84 -21.85 22.09
CA SER A 13 6.75 -21.19 21.11
C SER A 13 5.99 -20.39 20.04
N GLN A 14 6.69 -19.97 18.99
CA GLN A 14 6.25 -18.88 18.13
C GLN A 14 5.41 -19.33 16.93
N LYS A 15 4.29 -18.64 16.69
CA LYS A 15 3.46 -18.86 15.52
C LYS A 15 4.05 -18.12 14.31
N TYR A 16 4.32 -18.87 13.25
CA TYR A 16 4.80 -18.30 12.00
C TYR A 16 3.83 -18.49 10.86
N LEU A 17 3.85 -17.52 9.97
CA LEU A 17 3.20 -17.64 8.68
C LEU A 17 4.31 -17.52 7.68
N PHE A 18 4.52 -18.58 6.91
CA PHE A 18 5.43 -18.57 5.77
C PHE A 18 4.60 -18.25 4.54
N ILE A 19 4.80 -17.05 4.01
CA ILE A 19 3.89 -16.52 3.01
C ILE A 19 4.58 -16.36 1.68
N ASP A 20 3.99 -16.98 0.66
CA ASP A 20 4.39 -16.86 -0.72
C ASP A 20 4.23 -15.41 -1.23
N ARG A 21 5.06 -15.02 -2.21
CA ARG A 21 5.00 -13.65 -2.69
C ARG A 21 4.04 -13.51 -3.87
N ASP A 22 4.47 -13.99 -5.04
CA ASP A 22 3.74 -13.79 -6.29
C ASP A 22 2.48 -14.61 -6.35
N GLY A 23 1.35 -13.94 -6.49
CA GLY A 23 0.06 -14.61 -6.44
C GLY A 23 -0.61 -14.69 -5.10
N THR A 24 0.03 -14.21 -4.03
CA THR A 24 -0.46 -14.37 -2.66
C THR A 24 -0.43 -13.01 -1.91
N LEU A 25 0.73 -12.37 -1.89
CA LEU A 25 0.90 -10.99 -1.36
C LEU A 25 0.63 -9.96 -2.45
N ILE A 26 1.16 -10.26 -3.64
CA ILE A 26 1.02 -9.39 -4.78
C ILE A 26 0.48 -10.20 -5.94
N SER A 27 0.00 -9.51 -6.96
CA SER A 27 -0.59 -10.19 -8.12
C SER A 27 0.50 -10.92 -8.92
N GLU A 28 0.17 -12.10 -9.41
CA GLU A 28 1.08 -12.80 -10.29
C GLU A 28 0.87 -12.36 -11.73
N PRO A 29 1.92 -11.83 -12.40
CA PRO A 29 1.74 -11.42 -13.81
C PRO A 29 1.36 -12.64 -14.65
N PRO A 30 0.22 -12.57 -15.35
CA PRO A 30 -0.37 -13.76 -16.01
C PRO A 30 0.42 -14.36 -17.19
N SER A 31 1.22 -13.55 -17.89
CA SER A 31 1.88 -14.07 -19.08
C SER A 31 3.32 -14.58 -18.84
N ASP A 32 4.09 -13.89 -17.99
CA ASP A 32 5.46 -14.33 -17.76
C ASP A 32 5.91 -14.56 -16.30
N PHE A 33 4.96 -14.51 -15.35
CA PHE A 33 5.23 -14.88 -13.95
C PHE A 33 6.39 -14.14 -13.25
N GLN A 34 6.75 -12.96 -13.73
CA GLN A 34 7.85 -12.19 -13.14
C GLN A 34 7.36 -10.79 -12.97
N VAL A 35 7.49 -10.29 -11.77
CA VAL A 35 7.19 -8.90 -11.52
C VAL A 35 8.52 -8.19 -11.78
N ASP A 36 8.79 -7.87 -13.05
CA ASP A 36 10.08 -7.24 -13.42
C ASP A 36 9.91 -5.81 -13.91
N ARG A 37 8.70 -5.27 -13.77
CA ARG A 37 8.39 -3.88 -14.09
C ARG A 37 7.46 -3.34 -13.02
N PHE A 38 7.63 -2.06 -12.69
CA PHE A 38 6.76 -1.36 -11.74
C PHE A 38 5.30 -1.44 -12.11
N ASP A 39 5.01 -1.39 -13.41
CA ASP A 39 3.65 -1.46 -13.89
C ASP A 39 3.05 -2.87 -13.87
N LYS A 40 3.77 -3.83 -13.31
CA LYS A 40 3.22 -5.16 -13.04
C LYS A 40 3.00 -5.37 -11.53
N LEU A 41 3.31 -4.37 -10.73
CA LEU A 41 3.09 -4.51 -9.30
C LEU A 41 1.65 -4.20 -8.93
N ALA A 42 0.99 -5.14 -8.24
CA ALA A 42 -0.31 -4.86 -7.64
C ALA A 42 -0.41 -5.69 -6.37
N PHE A 43 -1.06 -5.12 -5.37
CA PHE A 43 -1.29 -5.76 -4.10
C PHE A 43 -2.57 -6.61 -4.12
N GLU A 44 -2.51 -7.75 -3.45
CA GLU A 44 -3.68 -8.60 -3.32
C GLU A 44 -4.67 -7.95 -2.38
N PRO A 45 -5.98 -8.16 -2.64
CA PRO A 45 -6.93 -7.38 -1.84
C PRO A 45 -6.88 -7.68 -0.35
N GLY A 46 -6.81 -6.63 0.46
CA GLY A 46 -6.86 -6.73 1.91
C GLY A 46 -5.60 -7.27 2.58
N VAL A 47 -4.55 -7.50 1.80
CA VAL A 47 -3.33 -8.11 2.35
C VAL A 47 -2.76 -7.27 3.51
N ILE A 48 -2.81 -5.95 3.39
CA ILE A 48 -2.22 -5.11 4.43
C ILE A 48 -2.99 -5.13 5.74
N PRO A 49 -4.29 -4.77 5.74
CA PRO A 49 -5.01 -4.85 7.02
C PRO A 49 -5.03 -6.24 7.64
N GLN A 50 -5.10 -7.28 6.82
CA GLN A 50 -5.17 -8.63 7.35
C GLN A 50 -3.85 -9.09 7.96
N LEU A 51 -2.73 -8.77 7.31
CA LEU A 51 -1.44 -9.10 7.90
C LEU A 51 -1.20 -8.32 9.23
N LEU A 52 -1.67 -7.09 9.28
CA LEU A 52 -1.59 -6.32 10.53
C LEU A 52 -2.46 -6.97 11.60
N LYS A 53 -3.66 -7.41 11.23
CA LYS A 53 -4.54 -8.14 12.12
C LYS A 53 -3.86 -9.43 12.60
N LEU A 54 -3.18 -10.11 11.68
CA LEU A 54 -2.46 -11.32 12.00
C LEU A 54 -1.27 -11.07 12.95
N GLN A 55 -0.50 -10.02 12.69
CA GLN A 55 0.59 -9.61 13.58
C GLN A 55 0.10 -9.35 14.99
N LYS A 56 -1.03 -8.66 15.13
CA LYS A 56 -1.58 -8.32 16.45
C LYS A 56 -2.02 -9.55 17.20
N ALA A 57 -2.20 -10.64 16.47
CA ALA A 57 -2.62 -11.89 17.07
C ALA A 57 -1.42 -12.80 17.36
N GLY A 58 -0.22 -12.25 17.21
CA GLY A 58 0.99 -12.95 17.59
C GLY A 58 1.71 -13.72 16.50
N TYR A 59 1.24 -13.65 15.24
CA TYR A 59 1.92 -14.33 14.13
C TYR A 59 3.12 -13.54 13.72
N LYS A 60 4.25 -14.22 13.52
CA LYS A 60 5.41 -13.60 12.90
C LYS A 60 5.39 -14.04 11.45
N LEU A 61 5.94 -13.22 10.56
CA LEU A 61 5.77 -13.41 9.13
C LEU A 61 7.10 -13.61 8.48
N VAL A 62 7.15 -14.60 7.58
CA VAL A 62 8.34 -14.87 6.79
C VAL A 62 7.88 -14.98 5.34
N MET A 63 8.58 -14.31 4.45
CA MET A 63 8.24 -14.35 3.04
C MET A 63 9.08 -15.42 2.38
N ILE A 64 8.44 -16.27 1.59
CA ILE A 64 9.20 -17.32 0.88
C ILE A 64 8.76 -17.55 -0.57
N THR A 65 9.71 -17.35 -1.48
CA THR A 65 9.42 -17.20 -2.89
C THR A 65 10.47 -17.83 -3.81
N ASN A 66 9.99 -18.54 -4.85
CA ASN A 66 10.82 -19.01 -5.96
C ASN A 66 10.76 -17.97 -7.04
N GLN A 67 11.91 -17.48 -7.45
CA GLN A 67 11.96 -16.45 -8.45
C GLN A 67 12.83 -16.99 -9.56
N ASP A 68 12.19 -17.76 -10.44
CA ASP A 68 12.87 -18.61 -11.41
C ASP A 68 13.85 -17.80 -12.21
N GLY A 69 15.13 -18.10 -12.08
CA GLY A 69 16.10 -17.47 -12.95
C GLY A 69 16.37 -16.02 -12.61
N LEU A 70 16.17 -15.65 -11.34
CA LEU A 70 16.46 -14.30 -10.85
C LEU A 70 17.98 -14.06 -10.87
N GLY A 71 18.40 -13.02 -11.60
CA GLY A 71 19.84 -12.78 -11.82
C GLY A 71 20.36 -13.19 -13.20
N THR A 72 19.54 -13.89 -13.96
CA THR A 72 19.92 -14.28 -15.32
C THR A 72 19.44 -13.21 -16.28
N GLN A 73 19.84 -13.29 -17.55
CA GLN A 73 19.45 -12.31 -18.57
C GLN A 73 17.93 -12.17 -18.68
N SER A 74 17.22 -13.28 -18.44
CA SER A 74 15.74 -13.29 -18.48
C SER A 74 15.08 -12.64 -17.27
N PHE A 75 15.81 -12.53 -16.16
CA PHE A 75 15.30 -11.90 -14.94
C PHE A 75 16.41 -11.17 -14.16
N PRO A 76 16.89 -10.04 -14.71
CA PRO A 76 17.95 -9.28 -14.07
C PRO A 76 17.53 -8.77 -12.68
N GLN A 77 18.46 -8.87 -11.73
CA GLN A 77 18.26 -8.42 -10.36
C GLN A 77 17.66 -7.01 -10.27
N ALA A 78 18.17 -6.09 -11.07
CA ALA A 78 17.71 -4.71 -11.10
C ALA A 78 16.25 -4.60 -11.51
N ASP A 79 15.80 -5.58 -12.32
CA ASP A 79 14.41 -5.66 -12.73
C ASP A 79 13.53 -6.12 -11.57
N PHE A 80 14.03 -7.09 -10.80
CA PHE A 80 13.36 -7.55 -9.63
C PHE A 80 13.36 -6.49 -8.49
N ASP A 81 14.53 -5.90 -8.20
CA ASP A 81 14.73 -5.04 -7.06
C ASP A 81 13.74 -3.90 -7.01
N GLY A 82 13.53 -3.22 -8.15
CA GLY A 82 12.69 -2.04 -8.18
C GLY A 82 11.29 -2.28 -7.60
N PRO A 83 10.49 -3.14 -8.25
CA PRO A 83 9.16 -3.47 -7.73
C PRO A 83 9.21 -4.16 -6.36
N HIS A 84 10.23 -4.96 -6.10
CA HIS A 84 10.28 -5.67 -4.82
C HIS A 84 10.53 -4.75 -3.63
N ASN A 85 11.55 -3.90 -3.78
CA ASN A 85 11.84 -2.85 -2.80
C ASN A 85 10.66 -1.91 -2.59
N LEU A 86 9.97 -1.53 -3.66
CA LEU A 86 8.75 -0.78 -3.50
C LEU A 86 7.66 -1.53 -2.67
N MET A 87 7.31 -2.75 -3.07
CA MET A 87 6.42 -3.61 -2.27
C MET A 87 6.81 -3.64 -0.77
N MET A 88 8.10 -3.88 -0.50
CA MET A 88 8.64 -3.85 0.86
C MET A 88 8.45 -2.52 1.58
N GLN A 89 8.62 -1.41 0.87
CA GLN A 89 8.42 -0.04 1.37
C GLN A 89 6.99 0.08 1.81
N ILE A 90 6.08 -0.36 0.92
CA ILE A 90 4.68 -0.27 1.22
C ILE A 90 4.33 -1.06 2.50
N PHE A 91 4.67 -2.35 2.55
CA PHE A 91 4.37 -3.16 3.73
C PHE A 91 4.96 -2.54 5.00
N THR A 92 6.25 -2.25 4.98
CA THR A 92 6.94 -1.76 6.17
C THR A 92 6.37 -0.41 6.63
N SER A 93 6.12 0.52 5.70
CA SER A 93 5.54 1.79 6.09
C SER A 93 4.15 1.62 6.73
N GLN A 94 3.44 0.55 6.36
CA GLN A 94 2.11 0.30 6.88
C GLN A 94 2.08 -0.57 8.14
N GLY A 95 3.27 -0.96 8.60
CA GLY A 95 3.41 -1.69 9.86
C GLY A 95 3.57 -3.20 9.69
N VAL A 96 3.62 -3.68 8.44
CA VAL A 96 3.78 -5.11 8.19
C VAL A 96 5.27 -5.48 8.11
N GLN A 97 5.73 -6.38 8.98
CA GLN A 97 7.16 -6.77 9.00
C GLN A 97 7.36 -8.23 8.71
N PHE A 98 8.28 -8.49 7.81
CA PHE A 98 8.70 -9.84 7.52
C PHE A 98 10.03 -10.04 8.21
N ASP A 99 10.12 -11.07 9.04
CA ASP A 99 11.35 -11.36 9.75
C ASP A 99 12.49 -11.63 8.76
N GLU A 100 12.16 -12.39 7.72
CA GLU A 100 13.05 -12.67 6.61
C GLU A 100 12.26 -12.74 5.30
N VAL A 101 12.97 -12.50 4.21
CA VAL A 101 12.52 -12.71 2.85
C VAL A 101 13.45 -13.73 2.23
N LEU A 102 12.89 -14.92 2.00
CA LEU A 102 13.63 -16.08 1.59
C LEU A 102 13.35 -16.33 0.12
N ILE A 103 14.42 -16.24 -0.69
CA ILE A 103 14.32 -16.35 -2.13
C ILE A 103 15.17 -17.48 -2.69
N CYS A 104 14.53 -18.34 -3.46
CA CYS A 104 15.20 -19.27 -4.36
C CYS A 104 15.25 -18.63 -5.74
N PRO A 105 16.47 -18.32 -6.23
CA PRO A 105 16.56 -17.66 -7.52
C PRO A 105 16.70 -18.64 -8.68
N HIS A 106 16.69 -19.94 -8.41
CA HIS A 106 17.07 -20.91 -9.45
C HIS A 106 15.96 -21.24 -10.41
N LEU A 107 16.36 -21.65 -11.62
CA LEU A 107 15.46 -22.28 -12.56
C LEU A 107 15.13 -23.69 -12.08
N PRO A 108 13.91 -24.20 -12.36
CA PRO A 108 13.59 -25.60 -12.06
C PRO A 108 14.59 -26.62 -12.64
N ALA A 109 15.15 -26.35 -13.81
CA ALA A 109 16.10 -27.28 -14.47
C ALA A 109 17.44 -27.37 -13.74
N ASP A 110 17.71 -26.42 -12.86
CA ASP A 110 18.92 -26.45 -12.03
C ASP A 110 18.84 -27.51 -10.95
N GLU A 111 17.61 -27.84 -10.55
CA GLU A 111 17.37 -28.81 -9.49
C GLU A 111 18.24 -28.53 -8.26
N CYS A 112 18.07 -27.32 -7.74
CA CYS A 112 18.80 -26.84 -6.57
C CYS A 112 18.26 -27.43 -5.27
N ASP A 113 18.93 -27.19 -4.16
CA ASP A 113 18.41 -27.59 -2.84
C ASP A 113 17.33 -26.66 -2.30
N CYS A 114 17.13 -25.48 -2.88
CA CYS A 114 16.30 -24.47 -2.17
C CYS A 114 14.90 -24.16 -2.74
N ARG A 115 14.59 -24.66 -3.94
CA ARG A 115 13.31 -24.36 -4.59
C ARG A 115 12.15 -25.00 -3.82
N LYS A 116 11.21 -24.18 -3.35
CA LYS A 116 9.99 -24.73 -2.75
C LYS A 116 9.47 -25.83 -3.69
N PRO A 117 8.92 -26.93 -3.15
CA PRO A 117 8.61 -27.24 -1.76
C PRO A 117 9.76 -27.85 -0.91
N LYS A 118 10.99 -27.76 -1.39
CA LYS A 118 12.14 -28.15 -0.55
C LYS A 118 12.28 -27.19 0.65
N VAL A 119 12.84 -27.73 1.71
CA VAL A 119 12.77 -27.18 3.05
C VAL A 119 14.02 -26.36 3.44
N LYS A 120 15.01 -26.28 2.55
CA LYS A 120 16.31 -25.66 2.88
C LYS A 120 16.29 -24.20 3.33
N LEU A 121 15.54 -23.34 2.63
CA LEU A 121 15.48 -21.92 2.99
C LEU A 121 14.96 -21.76 4.40
N VAL A 122 14.24 -22.77 4.87
CA VAL A 122 13.56 -22.69 6.15
C VAL A 122 14.12 -23.63 7.24
N GLU A 123 15.29 -24.25 7.01
CA GLU A 123 15.87 -25.23 7.95
C GLU A 123 15.82 -24.68 9.38
N ARG A 124 16.35 -23.47 9.56
CA ARG A 124 16.43 -22.77 10.84
C ARG A 124 15.14 -22.81 11.67
N TYR A 125 13.99 -22.71 10.98
CA TYR A 125 12.69 -22.75 11.64
C TYR A 125 12.30 -24.17 12.02
N LEU A 126 12.94 -25.15 11.36
CA LEU A 126 12.58 -26.55 11.55
C LEU A 126 13.36 -27.20 12.69
N MET A 131 9.47 -23.45 16.55
CA MET A 131 8.20 -22.76 16.29
C MET A 131 7.03 -23.63 16.71
N ASP A 132 5.90 -23.01 16.98
CA ASP A 132 4.66 -23.69 17.28
C ASP A 132 4.07 -24.32 16.00
N ARG A 133 4.60 -25.48 15.63
CA ARG A 133 4.13 -26.26 14.47
C ARG A 133 2.62 -26.39 14.32
N ALA A 134 1.89 -26.48 15.43
CA ALA A 134 0.44 -26.65 15.35
C ALA A 134 -0.30 -25.38 14.94
N ASN A 135 0.34 -24.23 15.15
CA ASN A 135 -0.31 -22.96 14.87
C ASN A 135 0.42 -22.19 13.78
N SER A 136 1.37 -22.86 13.13
CA SER A 136 2.12 -22.25 12.06
C SER A 136 1.61 -22.69 10.68
N TYR A 137 1.84 -21.86 9.67
CA TYR A 137 1.22 -22.05 8.35
C TYR A 137 2.12 -21.63 7.22
N VAL A 138 2.01 -22.37 6.11
CA VAL A 138 2.43 -21.87 4.80
C VAL A 138 1.16 -21.33 4.10
N ILE A 139 1.26 -20.09 3.64
CA ILE A 139 0.15 -19.51 2.91
C ILE A 139 0.62 -19.28 1.48
N GLY A 140 0.00 -19.96 0.53
CA GLY A 140 0.37 -19.71 -0.84
C GLY A 140 -0.66 -20.22 -1.82
N ASP A 141 -0.55 -19.75 -3.05
CA ASP A 141 -1.55 -20.04 -4.06
C ASP A 141 -1.28 -21.31 -4.86
N ARG A 142 -0.11 -21.92 -4.72
CA ARG A 142 0.21 -23.10 -5.52
C ARG A 142 0.24 -24.39 -4.69
N ALA A 143 -0.04 -25.53 -5.34
CA ALA A 143 0.12 -26.85 -4.68
C ALA A 143 1.53 -27.02 -4.10
N THR A 144 2.52 -26.36 -4.70
CA THR A 144 3.87 -26.40 -4.11
C THR A 144 3.95 -25.69 -2.75
N ASP A 145 3.07 -24.73 -2.48
CA ASP A 145 3.10 -24.07 -1.16
C ASP A 145 2.53 -25.01 -0.12
N ILE A 146 1.50 -25.75 -0.53
CA ILE A 146 0.83 -26.73 0.33
C ILE A 146 1.80 -27.88 0.62
N GLN A 147 2.56 -28.28 -0.39
CA GLN A 147 3.59 -29.30 -0.24
C GLN A 147 4.73 -28.83 0.68
N LEU A 148 5.11 -27.55 0.59
CA LEU A 148 6.07 -26.96 1.53
C LEU A 148 5.59 -27.10 2.97
N ALA A 149 4.31 -26.83 3.24
CA ALA A 149 3.75 -27.00 4.58
C ALA A 149 3.87 -28.44 5.08
N GLU A 150 3.59 -29.39 4.19
CA GLU A 150 3.69 -30.81 4.55
C GLU A 150 5.14 -31.17 4.86
N ASN A 151 6.05 -30.82 3.96
CA ASN A 151 7.47 -31.06 4.18
C ASN A 151 7.99 -30.40 5.47
N MET A 152 7.37 -29.30 5.88
CA MET A 152 7.79 -28.58 7.08
C MET A 152 7.10 -29.10 8.32
N GLY A 153 6.03 -29.85 8.12
CA GLY A 153 5.28 -30.45 9.23
C GLY A 153 4.25 -29.53 9.84
N ILE A 154 3.86 -28.49 9.10
CA ILE A 154 2.92 -27.49 9.59
C ILE A 154 1.65 -27.41 8.71
N ASN A 155 0.75 -26.49 9.06
CA ASN A 155 -0.47 -26.28 8.28
C ASN A 155 -0.25 -25.50 6.95
N GLY A 156 -1.09 -25.82 5.96
CA GLY A 156 -1.05 -25.14 4.67
C GLY A 156 -2.39 -24.52 4.40
N LEU A 157 -2.38 -23.24 4.01
CA LEU A 157 -3.57 -22.54 3.49
C LEU A 157 -3.33 -22.19 2.02
N ARG A 158 -4.24 -22.65 1.16
CA ARG A 158 -4.10 -22.43 -0.26
C ARG A 158 -4.81 -21.11 -0.61
N TYR A 159 -4.05 -20.04 -0.65
CA TYR A 159 -4.56 -18.72 -0.99
C TYR A 159 -5.24 -18.73 -2.37
N ASP A 160 -6.41 -18.11 -2.44
CA ASP A 160 -7.13 -17.94 -3.69
C ASP A 160 -7.85 -16.61 -3.49
N ARG A 161 -7.54 -15.64 -4.34
CA ARG A 161 -8.15 -14.31 -4.26
C ARG A 161 -9.68 -14.31 -4.16
N GLU A 162 -10.30 -15.24 -4.87
CA GLU A 162 -11.74 -15.32 -4.88
C GLU A 162 -12.32 -16.19 -3.77
N THR A 163 -11.66 -17.31 -3.44
CA THR A 163 -12.30 -18.33 -2.61
C THR A 163 -11.68 -18.59 -1.24
N LEU A 164 -10.42 -18.17 -1.04
CA LEU A 164 -9.77 -18.30 0.28
C LEU A 164 -8.76 -17.20 0.37
N ASN A 165 -9.27 -16.02 0.65
CA ASN A 165 -8.52 -14.78 0.45
C ASN A 165 -8.06 -14.17 1.77
N TRP A 166 -7.49 -12.97 1.72
CA TRP A 166 -6.94 -12.38 2.95
C TRP A 166 -7.93 -12.13 4.07
N PRO A 167 -9.10 -11.49 3.80
CA PRO A 167 -10.07 -11.37 4.89
C PRO A 167 -10.50 -12.72 5.49
N MET A 168 -10.62 -13.76 4.66
CA MET A 168 -11.03 -15.04 5.20
C MET A 168 -9.94 -15.60 6.11
N ILE A 169 -8.69 -15.47 5.67
CA ILE A 169 -7.56 -16.03 6.41
C ILE A 169 -7.33 -15.27 7.71
N GLY A 170 -7.45 -13.94 7.65
CA GLY A 170 -7.28 -13.08 8.82
C GLY A 170 -8.28 -13.49 9.90
N GLU A 171 -9.50 -13.77 9.46
CA GLU A 171 -10.62 -14.09 10.31
C GLU A 171 -10.40 -15.47 10.89
N GLN A 172 -10.05 -16.40 10.00
CA GLN A 172 -9.84 -17.78 10.40
C GLN A 172 -8.80 -17.92 11.50
N LEU A 173 -7.69 -17.23 11.35
CA LEU A 173 -6.52 -17.43 12.20
C LEU A 173 -6.53 -16.61 13.48
N THR A 174 -7.60 -15.85 13.73
CA THR A 174 -7.64 -14.99 14.91
C THR A 174 -8.83 -15.23 15.86
N GLN B 14 -23.03 14.28 6.63
CA GLN B 14 -21.90 13.49 5.97
C GLN B 14 -20.56 14.16 6.21
N LYS B 15 -19.71 13.48 6.96
CA LYS B 15 -18.38 14.00 7.20
C LYS B 15 -17.38 13.58 6.10
N TYR B 16 -16.54 14.53 5.71
CA TYR B 16 -15.57 14.30 4.64
C TYR B 16 -14.18 14.65 5.12
N LEU B 17 -13.21 13.89 4.63
CA LEU B 17 -11.82 14.25 4.76
C LEU B 17 -11.28 14.60 3.39
N PHE B 18 -10.77 15.81 3.26
CA PHE B 18 -10.26 16.29 1.97
C PHE B 18 -8.79 16.22 2.19
N ILE B 19 -8.14 15.28 1.50
CA ILE B 19 -6.79 14.93 1.90
C ILE B 19 -5.80 15.24 0.81
N ASP B 20 -4.75 15.94 1.22
CA ASP B 20 -3.63 16.27 0.37
C ASP B 20 -2.85 15.01 -0.03
N ARG B 21 -2.16 15.08 -1.17
CA ARG B 21 -1.40 13.89 -1.63
C ARG B 21 0.05 13.94 -1.17
N ASP B 22 0.84 14.81 -1.78
CA ASP B 22 2.31 14.82 -1.60
C ASP B 22 2.65 15.40 -0.24
N GLY B 23 3.45 14.65 0.52
CA GLY B 23 3.76 15.04 1.89
C GLY B 23 2.69 14.70 2.92
N THR B 24 1.62 14.07 2.47
CA THR B 24 0.53 13.71 3.37
C THR B 24 0.13 12.22 3.25
N LEU B 25 -0.30 11.79 2.07
CA LEU B 25 -0.53 10.33 1.84
C LEU B 25 0.78 9.60 1.54
N ILE B 26 1.64 10.28 0.78
CA ILE B 26 2.90 9.78 0.31
C ILE B 26 3.93 10.89 0.56
N SER B 27 5.20 10.52 0.61
CA SER B 27 6.24 11.49 0.84
C SER B 27 6.42 12.44 -0.35
N GLU B 28 6.82 13.65 -0.03
CA GLU B 28 7.04 14.69 -1.02
C GLU B 28 8.53 14.73 -1.34
N PRO B 29 8.90 14.51 -2.61
CA PRO B 29 10.32 14.59 -2.94
C PRO B 29 10.85 16.04 -2.82
N PRO B 30 11.92 16.23 -2.06
CA PRO B 30 12.47 17.54 -1.79
C PRO B 30 13.20 18.23 -2.97
N SER B 31 13.59 17.49 -4.00
CA SER B 31 14.31 18.06 -5.14
C SER B 31 13.38 18.89 -6.00
N ASP B 32 12.35 18.25 -6.57
CA ASP B 32 11.46 18.91 -7.51
C ASP B 32 9.98 18.87 -7.09
N PHE B 33 9.68 18.18 -5.99
CA PHE B 33 8.32 18.12 -5.48
C PHE B 33 7.38 17.42 -6.48
N GLN B 34 7.94 16.50 -7.25
CA GLN B 34 7.16 15.73 -8.23
C GLN B 34 7.43 14.28 -8.03
N VAL B 35 6.38 13.51 -7.76
CA VAL B 35 6.55 12.07 -7.77
C VAL B 35 6.39 11.65 -9.23
N ASP B 36 7.50 11.72 -9.97
CA ASP B 36 7.50 11.45 -11.40
C ASP B 36 8.27 10.21 -11.77
N ARG B 37 8.67 9.42 -10.77
CA ARG B 37 9.29 8.12 -11.00
C ARG B 37 8.84 7.20 -9.87
N PHE B 38 8.78 5.88 -10.14
CA PHE B 38 8.40 4.91 -9.12
C PHE B 38 9.31 4.85 -7.92
N ASP B 39 10.56 5.25 -8.09
CA ASP B 39 11.45 5.23 -6.93
C ASP B 39 11.36 6.48 -6.06
N LYS B 40 10.48 7.40 -6.44
CA LYS B 40 10.22 8.57 -5.61
C LYS B 40 8.87 8.38 -4.87
N LEU B 41 8.27 7.18 -5.01
CA LEU B 41 6.96 6.87 -4.42
C LEU B 41 7.17 6.13 -3.13
N ALA B 42 6.63 6.71 -2.07
CA ALA B 42 6.81 6.21 -0.74
C ALA B 42 5.59 6.62 0.11
N PHE B 43 4.85 5.63 0.59
CA PHE B 43 3.69 5.88 1.45
C PHE B 43 4.11 6.44 2.81
N GLU B 44 3.30 7.33 3.37
CA GLU B 44 3.52 7.82 4.73
C GLU B 44 3.17 6.71 5.72
N PRO B 45 3.80 6.72 6.91
CA PRO B 45 3.57 5.64 7.85
C PRO B 45 2.11 5.54 8.32
N GLY B 46 1.56 4.33 8.26
CA GLY B 46 0.24 4.03 8.84
C GLY B 46 -0.93 4.56 8.05
N VAL B 47 -0.68 5.18 6.89
CA VAL B 47 -1.76 5.83 6.12
C VAL B 47 -2.93 4.89 5.73
N ILE B 48 -2.60 3.67 5.30
CA ILE B 48 -3.62 2.69 4.90
C ILE B 48 -4.48 2.21 6.07
N PRO B 49 -3.89 1.61 7.13
CA PRO B 49 -4.77 1.20 8.23
C PRO B 49 -5.57 2.36 8.79
N GLN B 50 -4.95 3.54 8.85
CA GLN B 50 -5.63 4.65 9.47
C GLN B 50 -6.75 5.22 8.61
N LEU B 51 -6.59 5.22 7.28
CA LEU B 51 -7.72 5.64 6.44
C LEU B 51 -8.86 4.59 6.48
N LEU B 52 -8.49 3.33 6.62
CA LEU B 52 -9.47 2.26 6.82
C LEU B 52 -10.29 2.48 8.09
N LYS B 53 -9.60 2.92 9.14
CA LYS B 53 -10.21 3.13 10.42
C LYS B 53 -11.14 4.33 10.32
N LEU B 54 -10.69 5.34 9.59
CA LEU B 54 -11.51 6.55 9.42
C LEU B 54 -12.76 6.24 8.62
N GLN B 55 -12.63 5.50 7.50
CA GLN B 55 -13.80 5.08 6.74
C GLN B 55 -14.81 4.29 7.59
N LYS B 56 -14.31 3.40 8.43
CA LYS B 56 -15.15 2.56 9.28
C LYS B 56 -15.91 3.41 10.29
N ALA B 57 -15.37 4.57 10.62
CA ALA B 57 -16.06 5.51 11.50
C ALA B 57 -17.06 6.42 10.76
N GLY B 58 -17.19 6.25 9.45
CA GLY B 58 -18.18 6.99 8.69
C GLY B 58 -17.70 8.09 7.76
N TYR B 59 -16.38 8.36 7.75
CA TYR B 59 -15.82 9.37 6.86
C TYR B 59 -15.71 8.90 5.42
N LYS B 60 -16.06 9.79 4.50
CA LYS B 60 -15.73 9.63 3.10
C LYS B 60 -14.50 10.44 2.80
N LEU B 61 -13.77 10.00 1.78
CA LEU B 61 -12.47 10.57 1.48
C LEU B 61 -12.46 11.26 0.12
N VAL B 62 -11.77 12.40 0.06
CA VAL B 62 -11.62 13.14 -1.19
C VAL B 62 -10.16 13.55 -1.29
N MET B 63 -9.53 13.27 -2.44
CA MET B 63 -8.12 13.62 -2.55
C MET B 63 -8.03 14.96 -3.24
N ILE B 64 -7.18 15.85 -2.74
CA ILE B 64 -7.05 17.17 -3.37
C ILE B 64 -5.61 17.66 -3.39
N THR B 65 -5.06 17.82 -4.58
CA THR B 65 -3.63 18.03 -4.75
C THR B 65 -3.30 19.10 -5.84
N ASN B 66 -2.29 19.92 -5.54
CA ASN B 66 -1.66 20.80 -6.52
C ASN B 66 -0.50 20.07 -7.10
N GLN B 67 -0.47 19.94 -8.42
CA GLN B 67 0.59 19.22 -9.09
C GLN B 67 1.19 20.15 -10.13
N ASP B 68 2.08 21.04 -9.70
CA ASP B 68 2.59 22.11 -10.57
C ASP B 68 3.02 21.60 -11.94
N GLY B 69 2.33 22.05 -13.00
CA GLY B 69 2.78 21.80 -14.40
C GLY B 69 2.58 20.36 -14.86
N LEU B 70 1.72 19.63 -14.15
CA LEU B 70 1.37 18.28 -14.56
C LEU B 70 0.74 18.33 -15.95
N GLY B 71 1.10 17.41 -16.83
CA GLY B 71 0.60 17.40 -18.22
C GLY B 71 1.57 17.95 -19.26
N THR B 72 2.29 19.01 -18.87
CA THR B 72 3.34 19.66 -19.67
C THR B 72 4.70 18.97 -19.57
N GLN B 73 5.71 19.52 -20.23
CA GLN B 73 7.04 18.86 -20.25
C GLN B 73 7.87 18.99 -18.95
N SER B 74 7.59 19.99 -18.12
CA SER B 74 8.18 20.04 -16.75
C SER B 74 7.65 18.91 -15.84
N PHE B 75 6.43 18.45 -16.13
CA PHE B 75 5.87 17.31 -15.41
C PHE B 75 4.93 16.52 -16.33
N PRO B 76 5.51 15.61 -17.16
CA PRO B 76 4.76 14.79 -18.13
C PRO B 76 3.73 13.85 -17.50
N GLN B 77 2.53 13.92 -18.04
CA GLN B 77 1.42 13.15 -17.53
C GLN B 77 1.82 11.72 -17.26
N ALA B 78 2.53 11.09 -18.20
CA ALA B 78 2.89 9.67 -18.05
C ALA B 78 3.89 9.41 -16.95
N ASP B 79 4.68 10.43 -16.59
CA ASP B 79 5.64 10.32 -15.48
C ASP B 79 4.86 10.31 -14.14
N PHE B 80 3.82 11.13 -14.08
CA PHE B 80 2.89 11.15 -12.96
C PHE B 80 1.97 9.90 -12.88
N ASP B 81 1.40 9.50 -14.02
CA ASP B 81 0.41 8.40 -14.07
C ASP B 81 0.89 7.12 -13.47
N GLY B 82 2.08 6.69 -13.83
CA GLY B 82 2.62 5.45 -13.33
C GLY B 82 2.60 5.36 -11.80
N PRO B 83 3.36 6.24 -11.10
CA PRO B 83 3.28 6.11 -9.65
C PRO B 83 1.92 6.46 -9.06
N HIS B 84 1.20 7.41 -9.63
CA HIS B 84 -0.17 7.73 -9.13
C HIS B 84 -1.15 6.54 -9.21
N ASN B 85 -1.21 5.92 -10.38
CA ASN B 85 -2.10 4.77 -10.57
C ASN B 85 -1.75 3.64 -9.65
N LEU B 86 -0.47 3.33 -9.51
CA LEU B 86 -0.06 2.33 -8.55
C LEU B 86 -0.46 2.69 -7.09
N MET B 87 -0.25 3.96 -6.70
CA MET B 87 -0.73 4.44 -5.42
C MET B 87 -2.26 4.20 -5.26
N MET B 88 -3.01 4.52 -6.30
CA MET B 88 -4.46 4.29 -6.30
C MET B 88 -4.85 2.81 -6.22
N GLN B 89 -4.11 1.94 -6.91
CA GLN B 89 -4.36 0.47 -6.88
C GLN B 89 -4.13 0.01 -5.48
N ILE B 90 -3.04 0.50 -4.87
CA ILE B 90 -2.74 0.11 -3.50
C ILE B 90 -3.93 0.50 -2.62
N PHE B 91 -4.30 1.79 -2.63
CA PHE B 91 -5.45 2.18 -1.82
C PHE B 91 -6.69 1.32 -2.10
N THR B 92 -7.13 1.28 -3.36
CA THR B 92 -8.35 0.54 -3.72
C THR B 92 -8.28 -0.91 -3.25
N SER B 93 -7.17 -1.59 -3.59
CA SER B 93 -6.99 -3.00 -3.29
C SER B 93 -7.05 -3.27 -1.82
N GLN B 94 -6.68 -2.28 -1.02
CA GLN B 94 -6.70 -2.43 0.43
C GLN B 94 -7.98 -1.97 1.10
N GLY B 95 -8.91 -1.43 0.32
CA GLY B 95 -10.21 -0.99 0.84
C GLY B 95 -10.36 0.52 1.02
N VAL B 96 -9.34 1.29 0.66
CA VAL B 96 -9.39 2.76 0.80
C VAL B 96 -9.96 3.34 -0.47
N GLN B 97 -11.11 3.99 -0.35
CA GLN B 97 -11.75 4.58 -1.52
C GLN B 97 -11.84 6.09 -1.42
N PHE B 98 -11.32 6.76 -2.42
CA PHE B 98 -11.46 8.18 -2.55
C PHE B 98 -12.66 8.42 -3.45
N ASP B 99 -13.61 9.21 -2.98
CA ASP B 99 -14.79 9.52 -3.78
C ASP B 99 -14.40 10.29 -5.05
N GLU B 100 -13.47 11.25 -4.89
CA GLU B 100 -12.88 11.97 -6.01
C GLU B 100 -11.39 12.19 -5.77
N VAL B 101 -10.66 12.35 -6.87
CA VAL B 101 -9.27 12.81 -6.82
C VAL B 101 -9.25 14.12 -7.58
N LEU B 102 -9.06 15.21 -6.84
CA LEU B 102 -9.16 16.55 -7.42
C LEU B 102 -7.76 17.11 -7.57
N ILE B 103 -7.42 17.47 -8.80
CA ILE B 103 -6.06 17.87 -9.17
C ILE B 103 -6.07 19.21 -9.86
N CYS B 104 -5.24 20.13 -9.37
CA CYS B 104 -4.89 21.33 -10.09
C CYS B 104 -3.50 21.14 -10.68
N PRO B 105 -3.38 21.12 -12.04
CA PRO B 105 -2.08 20.90 -12.67
C PRO B 105 -1.35 22.20 -12.97
N HIS B 106 -1.83 23.30 -12.40
CA HIS B 106 -1.35 24.58 -12.87
C HIS B 106 -0.15 25.06 -12.08
N LEU B 107 0.56 26.02 -12.68
CA LEU B 107 1.66 26.72 -12.06
C LEU B 107 1.07 27.84 -11.26
N PRO B 108 1.73 28.23 -10.16
CA PRO B 108 1.21 29.40 -9.44
C PRO B 108 1.11 30.69 -10.32
N ALA B 109 1.97 30.83 -11.33
CA ALA B 109 1.99 32.05 -12.16
C ALA B 109 0.73 32.12 -13.04
N ASP B 110 0.21 30.93 -13.37
CA ASP B 110 -1.02 30.76 -14.09
C ASP B 110 -2.18 31.52 -13.50
N GLU B 111 -2.16 31.77 -12.18
CA GLU B 111 -3.29 32.36 -11.45
C GLU B 111 -4.67 31.72 -11.76
N CYS B 112 -4.66 30.39 -11.88
CA CYS B 112 -5.86 29.57 -12.10
C CYS B 112 -6.89 29.65 -10.94
N ASP B 113 -8.13 29.24 -11.21
CA ASP B 113 -9.16 29.24 -10.18
C ASP B 113 -9.07 28.05 -9.22
N CYS B 114 -8.36 27.02 -9.60
CA CYS B 114 -8.47 25.71 -8.92
C CYS B 114 -7.34 25.34 -7.95
N ARG B 115 -6.30 26.19 -7.91
CA ARG B 115 -5.11 25.92 -7.11
C ARG B 115 -5.38 26.16 -5.65
N LYS B 116 -5.26 25.11 -4.83
CA LYS B 116 -5.41 25.25 -3.37
C LYS B 116 -4.55 26.44 -2.91
N PRO B 117 -5.06 27.25 -1.97
CA PRO B 117 -6.28 27.10 -1.18
C PRO B 117 -7.59 27.62 -1.79
N LYS B 118 -7.61 27.90 -3.10
CA LYS B 118 -8.89 28.19 -3.75
C LYS B 118 -9.77 26.96 -3.68
N VAL B 119 -11.09 27.20 -3.66
CA VAL B 119 -12.08 26.18 -3.36
C VAL B 119 -12.82 25.64 -4.56
N LYS B 120 -12.41 26.09 -5.75
CA LYS B 120 -13.09 25.74 -6.99
C LYS B 120 -13.25 24.23 -7.19
N LEU B 121 -12.19 23.48 -6.94
CA LEU B 121 -12.23 22.02 -7.12
C LEU B 121 -13.25 21.36 -6.21
N VAL B 122 -13.52 21.97 -5.08
CA VAL B 122 -14.40 21.37 -4.09
C VAL B 122 -15.77 22.04 -4.03
N GLU B 123 -16.07 22.86 -5.03
CA GLU B 123 -17.27 23.71 -5.02
C GLU B 123 -18.57 22.95 -4.71
N ARG B 124 -18.71 21.74 -5.24
CA ARG B 124 -19.91 20.92 -5.03
C ARG B 124 -20.12 20.50 -3.56
N TYR B 125 -19.03 20.43 -2.80
CA TYR B 125 -19.12 20.10 -1.39
C TYR B 125 -19.48 21.33 -0.57
N LEU B 126 -19.48 22.48 -1.22
CA LEU B 126 -19.76 23.74 -0.52
C LEU B 126 -21.22 24.14 -0.67
N ALA B 127 -21.94 23.45 -1.55
CA ALA B 127 -23.39 23.54 -1.61
C ALA B 127 -24.00 23.25 -0.23
N GLU B 128 -25.16 23.83 0.02
CA GLU B 128 -25.59 24.08 1.40
C GLU B 128 -25.90 22.92 2.37
N GLN B 129 -26.36 21.78 1.86
CA GLN B 129 -26.47 20.58 2.69
C GLN B 129 -25.53 19.49 2.21
N ALA B 130 -24.46 19.86 1.51
CA ALA B 130 -23.58 18.86 0.89
C ALA B 130 -22.71 18.09 1.89
N MET B 131 -22.37 18.74 3.00
CA MET B 131 -21.57 18.10 4.03
C MET B 131 -21.80 18.68 5.41
N ASP B 132 -21.35 17.91 6.40
CA ASP B 132 -21.37 18.30 7.78
C ASP B 132 -20.06 19.07 8.02
N ARG B 133 -20.14 20.39 7.92
CA ARG B 133 -18.98 21.25 8.03
C ARG B 133 -18.32 21.11 9.39
N ALA B 134 -19.13 20.92 10.43
CA ALA B 134 -18.65 20.80 11.82
C ALA B 134 -17.65 19.65 12.02
N ASN B 135 -17.87 18.55 11.31
CA ASN B 135 -17.06 17.34 11.48
C ASN B 135 -16.28 16.91 10.23
N SER B 136 -16.05 17.87 9.32
CA SER B 136 -15.27 17.61 8.11
C SER B 136 -13.94 18.32 8.21
N TYR B 137 -12.93 17.78 7.53
CA TYR B 137 -11.56 18.26 7.67
C TYR B 137 -10.79 18.30 6.36
N VAL B 138 -9.91 19.28 6.26
CA VAL B 138 -8.86 19.21 5.27
C VAL B 138 -7.64 18.66 6.01
N ILE B 139 -7.06 17.57 5.51
CA ILE B 139 -5.82 17.06 6.08
C ILE B 139 -4.71 17.29 5.08
N GLY B 140 -3.70 18.02 5.49
CA GLY B 140 -2.59 18.28 4.58
C GLY B 140 -1.44 18.81 5.40
N ASP B 141 -0.25 18.82 4.81
CA ASP B 141 0.97 19.18 5.54
C ASP B 141 1.38 20.65 5.40
N ARG B 142 0.66 21.45 4.62
CA ARG B 142 1.11 22.83 4.37
C ARG B 142 0.12 23.84 4.90
N ALA B 143 0.59 25.07 5.06
CA ALA B 143 -0.30 26.18 5.41
C ALA B 143 -1.45 26.29 4.41
N THR B 144 -1.16 26.02 3.13
CA THR B 144 -2.21 26.17 2.14
C THR B 144 -3.36 25.16 2.30
N ASP B 145 -3.06 23.96 2.79
CA ASP B 145 -4.11 23.00 3.14
C ASP B 145 -4.97 23.54 4.26
N ILE B 146 -4.33 24.14 5.26
CA ILE B 146 -5.04 24.71 6.40
C ILE B 146 -5.90 25.89 5.94
N GLN B 147 -5.38 26.69 5.00
CA GLN B 147 -6.09 27.83 4.41
C GLN B 147 -7.28 27.37 3.57
N LEU B 148 -7.07 26.29 2.80
CA LEU B 148 -8.20 25.66 2.11
C LEU B 148 -9.37 25.36 3.06
N ALA B 149 -9.05 24.73 4.21
CA ALA B 149 -10.03 24.41 5.24
C ALA B 149 -10.79 25.67 5.66
N GLU B 150 -10.04 26.75 5.89
CA GLU B 150 -10.64 28.02 6.29
C GLU B 150 -11.58 28.50 5.19
N ASN B 151 -11.08 28.50 3.95
CA ASN B 151 -11.86 28.91 2.78
C ASN B 151 -13.12 28.07 2.60
N MET B 152 -13.07 26.80 3.03
CA MET B 152 -14.18 25.87 2.88
C MET B 152 -15.17 25.96 4.04
N GLY B 153 -14.84 26.71 5.07
CA GLY B 153 -15.65 26.73 6.26
C GLY B 153 -15.57 25.46 7.10
N ILE B 154 -14.43 24.76 7.09
CA ILE B 154 -14.24 23.51 7.84
C ILE B 154 -12.95 23.46 8.64
N ASN B 155 -12.73 22.36 9.36
CA ASN B 155 -11.51 22.19 10.14
C ASN B 155 -10.30 21.85 9.31
N GLY B 156 -9.15 22.36 9.72
CA GLY B 156 -7.89 22.03 9.09
C GLY B 156 -6.98 21.28 10.04
N LEU B 157 -6.47 20.14 9.59
CA LEU B 157 -5.49 19.36 10.33
C LEU B 157 -4.16 19.41 9.58
N ARG B 158 -3.10 19.82 10.25
CA ARG B 158 -1.79 19.88 9.63
C ARG B 158 -1.07 18.54 9.82
N TYR B 159 -1.14 17.67 8.80
CA TYR B 159 -0.39 16.42 8.86
C TYR B 159 1.09 16.70 9.16
N ASP B 160 1.62 16.01 10.17
CA ASP B 160 3.07 15.99 10.38
C ASP B 160 3.52 14.59 10.77
N ARG B 161 4.48 14.04 10.05
CA ARG B 161 4.96 12.67 10.32
C ARG B 161 5.37 12.40 11.79
N GLU B 162 5.80 13.41 12.50
CA GLU B 162 6.13 13.22 13.92
C GLU B 162 4.99 13.70 14.83
N THR B 163 4.51 14.90 14.58
CA THR B 163 3.69 15.57 15.59
C THR B 163 2.21 15.56 15.39
N LEU B 164 1.74 15.32 14.16
CA LEU B 164 0.35 14.93 13.93
C LEU B 164 0.25 13.90 12.81
N ASN B 165 0.55 12.65 13.15
CA ASN B 165 0.67 11.60 12.11
C ASN B 165 -0.60 10.75 11.91
N TRP B 166 -0.56 9.81 10.99
CA TRP B 166 -1.74 9.03 10.69
C TRP B 166 -2.42 8.29 11.86
N PRO B 167 -1.65 7.56 12.72
CA PRO B 167 -2.26 7.01 13.95
C PRO B 167 -2.89 8.08 14.83
N MET B 168 -2.20 9.20 15.05
CA MET B 168 -2.78 10.28 15.90
C MET B 168 -4.07 10.83 15.29
N ILE B 169 -4.05 11.07 13.99
CA ILE B 169 -5.22 11.51 13.24
C ILE B 169 -6.36 10.49 13.36
N GLY B 170 -6.06 9.21 13.14
CA GLY B 170 -7.06 8.16 13.23
C GLY B 170 -7.75 8.16 14.57
N GLU B 171 -6.95 8.38 15.62
CA GLU B 171 -7.41 8.43 17.00
C GLU B 171 -8.26 9.66 17.24
N GLN B 172 -7.72 10.80 16.81
CA GLN B 172 -8.30 12.10 17.11
C GLN B 172 -9.68 12.28 16.45
N LEU B 173 -9.81 11.76 15.23
CA LEU B 173 -11.03 11.96 14.46
C LEU B 173 -12.10 10.93 14.76
N THR B 174 -11.74 9.88 15.48
CA THR B 174 -12.72 8.87 15.90
C THR B 174 -13.06 8.97 17.40
N ARG B 175 -12.45 9.92 18.07
CA ARG B 175 -12.74 10.23 19.48
C ARG B 175 -14.22 10.57 19.66
N ARG B 176 -14.78 10.11 20.78
CA ARG B 176 -16.20 10.25 21.10
C ARG B 176 -16.33 10.72 22.54
ZN ZN C . 17.15 -22.62 -5.33
CA CA D . 2.74 -18.07 -5.96
CL CL E . 6.80 -19.84 -5.38
ZN ZN F . -5.45 25.19 -11.22
CA CA G . 1.54 18.63 0.48
CL CL H . -0.96 20.78 -2.59
#